data_1SB1
#
_entry.id   1SB1
#
_cell.length_a   69.963
_cell.length_b   71.495
_cell.length_c   72.186
_cell.angle_alpha   90.00
_cell.angle_beta   100.15
_cell.angle_gamma   90.00
#
_symmetry.space_group_name_H-M   'C 1 2 1'
#
loop_
_entity.id
_entity.type
_entity.pdbx_description
1 polymer Prothrombin
2 polymer Prothrombin
3 polymer hirugen
4 non-polymer 'SODIUM ION'
5 non-polymer N-(BENZYLSULFONYL)-3-CYCLOHEXYLALANYL-N-(2-AMINO-1,3-BENZOTHIAZOL-6-YL)PROLINAMIDE
6 water water
#
loop_
_entity_poly.entity_id
_entity_poly.type
_entity_poly.pdbx_seq_one_letter_code
_entity_poly.pdbx_strand_id
1 'polypeptide(L)' EADCGLRPLFEKKSLEDKTERELLESYID L
2 'polypeptide(L)'
;IVEGSDAEIGMSPWQVMLFRKSPQELLCGASLISDRWVLTAAHCLLYPPWDKNFTENDLLVRIGKHSRTRYERNIEKISM
LEKIYIHPRYNWRENLDRDIALMKLKKPVAFSDYIHPVCLPDRETAASLLQAGYKGRVTGWGNLKETWTANVGKGQPSVL
QVVNLPIVERPVCKDSTRIRITDNMFCAGYKPDEGKRGDACEGDSGGPFVMKSPFNNRWYQMGIVSWGEGCDRDGKYGFY
THVFRLKKWIQKVIDQFG
;
H
3 'polypeptide(L)' DFEEIPEE(TYS) I
#
# COMPACT_ATOMS: atom_id res chain seq x y z
N GLU A 1 -9.46 14.82 2.96
CA GLU A 1 -10.83 15.07 2.43
C GLU A 1 -11.84 14.47 3.38
N ALA A 2 -12.99 15.13 3.54
CA ALA A 2 -14.03 14.66 4.43
C ALA A 2 -14.68 13.41 3.85
N ASP A 3 -14.31 13.06 2.62
CA ASP A 3 -14.89 11.90 1.98
C ASP A 3 -13.88 10.76 1.80
N CYS A 4 -12.70 10.92 2.41
CA CYS A 4 -11.68 9.89 2.29
C CYS A 4 -12.18 8.55 2.81
N GLY A 5 -11.64 7.47 2.24
CA GLY A 5 -11.97 6.13 2.67
C GLY A 5 -13.38 5.59 2.48
N LEU A 6 -14.21 6.29 1.72
CA LEU A 6 -15.56 5.80 1.46
C LEU A 6 -15.56 5.49 -0.03
N ARG A 7 -15.66 4.21 -0.37
CA ARG A 7 -15.62 3.80 -1.76
C ARG A 7 -16.91 3.98 -2.54
N PRO A 8 -16.82 4.64 -3.71
CA PRO A 8 -17.97 4.91 -4.58
C PRO A 8 -18.80 3.66 -4.87
N LEU A 9 -18.14 2.54 -5.13
CA LEU A 9 -18.86 1.33 -5.47
C LEU A 9 -19.21 0.43 -4.29
N PHE A 10 -18.83 0.85 -3.09
CA PHE A 10 -19.13 0.07 -1.89
C PHE A 10 -19.79 0.92 -0.81
N GLU A 11 -19.02 1.57 0.07
CA GLU A 11 -19.65 2.37 1.13
C GLU A 11 -20.67 3.40 0.63
N LYS A 12 -20.37 4.08 -0.47
CA LYS A 12 -21.28 5.11 -1.00
C LYS A 12 -22.63 4.57 -1.45
N LYS A 13 -22.68 3.30 -1.82
CA LYS A 13 -23.92 2.66 -2.27
C LYS A 13 -24.42 1.65 -1.25
N SER A 14 -23.74 1.58 -0.11
CA SER A 14 -24.08 0.65 0.96
C SER A 14 -24.00 -0.81 0.51
N LEU A 15 -22.94 -1.12 -0.25
CA LEU A 15 -22.70 -2.48 -0.70
C LEU A 15 -21.42 -2.91 0.01
N GLU A 16 -21.33 -4.17 0.41
CA GLU A 16 -20.13 -4.64 1.07
C GLU A 16 -19.33 -5.54 0.14
N ASP A 17 -18.01 -5.50 0.23
CA ASP A 17 -17.22 -6.37 -0.63
C ASP A 17 -17.23 -7.76 0.01
N LYS A 18 -16.77 -8.76 -0.73
CA LYS A 18 -16.80 -10.16 -0.29
C LYS A 18 -16.03 -10.56 0.96
N THR A 19 -15.04 -9.77 1.38
CA THR A 19 -14.27 -10.17 2.56
C THR A 19 -14.12 -9.11 3.67
N GLU A 20 -14.73 -7.94 3.54
CA GLU A 20 -14.55 -6.95 4.61
C GLU A 20 -15.09 -7.41 5.96
N ARG A 21 -16.08 -8.30 5.93
CA ARG A 21 -16.65 -8.82 7.15
C ARG A 21 -15.57 -9.55 7.97
N GLU A 22 -14.61 -10.18 7.28
CA GLU A 22 -13.51 -10.88 7.96
C GLU A 22 -12.74 -9.89 8.83
N LEU A 23 -12.53 -8.69 8.30
CA LEU A 23 -11.82 -7.65 9.05
C LEU A 23 -12.63 -7.27 10.29
N LEU A 24 -13.90 -6.93 10.09
CA LEU A 24 -14.77 -6.53 11.20
C LEU A 24 -14.79 -7.58 12.31
N GLU A 25 -14.92 -8.84 11.91
CA GLU A 25 -14.97 -9.93 12.89
C GLU A 25 -13.69 -10.07 13.71
N SER A 26 -12.58 -9.58 13.16
CA SER A 26 -11.31 -9.65 13.87
C SER A 26 -11.14 -8.51 14.88
N TYR A 27 -11.96 -7.48 14.79
CA TYR A 27 -11.83 -6.34 15.70
C TYR A 27 -12.66 -6.67 16.94
N ILE A 28 -12.23 -7.68 17.66
CA ILE A 28 -12.95 -8.18 18.84
C ILE A 28 -12.90 -7.36 20.11
N ASP A 29 -11.89 -6.50 20.26
CA ASP A 29 -11.79 -5.69 21.46
C ASP A 29 -12.54 -4.37 21.31
N ILE B 1 1.28 -10.41 -4.69
CA ILE B 1 0.55 -11.00 -3.54
C ILE B 1 0.50 -12.53 -3.63
N VAL B 2 0.92 -13.19 -2.57
CA VAL B 2 0.90 -14.65 -2.53
C VAL B 2 -0.30 -15.16 -1.74
N GLU B 3 -1.02 -16.11 -2.33
CA GLU B 3 -2.19 -16.72 -1.71
C GLU B 3 -3.35 -15.76 -1.41
N GLY B 4 -3.54 -14.78 -2.29
CA GLY B 4 -4.64 -13.84 -2.12
C GLY B 4 -5.67 -14.19 -3.18
N SER B 5 -6.46 -13.21 -3.61
CA SER B 5 -7.45 -13.47 -4.64
C SER B 5 -7.67 -12.22 -5.47
N ASP B 6 -8.40 -12.36 -6.58
CA ASP B 6 -8.67 -11.22 -7.45
C ASP B 6 -9.49 -10.18 -6.69
N ALA B 7 -9.12 -8.91 -6.86
CA ALA B 7 -9.86 -7.82 -6.22
C ALA B 7 -11.16 -7.60 -6.98
N GLU B 8 -12.17 -7.05 -6.30
CA GLU B 8 -13.43 -6.73 -6.94
C GLU B 8 -13.23 -5.38 -7.61
N ILE B 9 -14.05 -5.08 -8.60
CA ILE B 9 -13.95 -3.79 -9.28
C ILE B 9 -14.20 -2.67 -8.25
N GLY B 10 -13.33 -1.67 -8.25
CA GLY B 10 -13.49 -0.55 -7.33
C GLY B 10 -13.30 -0.87 -5.85
N MET B 11 -12.71 -2.04 -5.58
CA MET B 11 -12.48 -2.48 -4.20
C MET B 11 -11.40 -1.70 -3.44
N SER B 12 -10.43 -1.18 -4.19
CA SER B 12 -9.30 -0.43 -3.61
C SER B 12 -9.03 0.76 -4.54
N PRO B 13 -9.97 1.73 -4.58
CA PRO B 13 -9.86 2.90 -5.44
C PRO B 13 -8.71 3.88 -5.19
N TRP B 14 -7.98 3.65 -4.10
CA TRP B 14 -6.82 4.47 -3.76
C TRP B 14 -5.55 3.75 -4.23
N GLN B 15 -5.73 2.56 -4.81
CA GLN B 15 -4.59 1.80 -5.29
C GLN B 15 -3.89 2.53 -6.42
N VAL B 16 -2.57 2.60 -6.33
CA VAL B 16 -1.76 3.25 -7.33
C VAL B 16 -0.64 2.33 -7.79
N MET B 17 -0.35 2.36 -9.09
CA MET B 17 0.74 1.58 -9.65
C MET B 17 1.85 2.55 -10.03
N LEU B 18 3.07 2.30 -9.54
CA LEU B 18 4.20 3.15 -9.91
C LEU B 18 4.74 2.46 -11.15
N PHE B 19 4.78 3.21 -12.25
CA PHE B 19 5.18 2.68 -13.54
C PHE B 19 6.44 3.35 -14.12
N ARG B 20 7.41 2.52 -14.51
CA ARG B 20 8.65 3.01 -15.08
C ARG B 20 8.42 3.29 -16.57
N LYS B 21 8.85 4.45 -17.03
CA LYS B 21 8.66 4.83 -18.44
C LYS B 21 9.41 3.92 -19.42
N SER B 22 10.68 3.69 -19.16
CA SER B 22 11.48 2.85 -20.04
C SER B 22 12.62 2.17 -19.31
N PRO B 23 12.65 0.84 -19.33
CA PRO B 23 11.63 0.02 -20.01
C PRO B 23 10.27 0.12 -19.28
N GLN B 24 9.18 0.04 -20.04
CA GLN B 24 7.86 0.12 -19.43
C GLN B 24 7.65 -1.08 -18.53
N GLU B 25 7.59 -0.86 -17.22
CA GLU B 25 7.39 -1.95 -16.27
C GLU B 25 6.86 -1.47 -14.92
N LEU B 26 6.31 -2.42 -14.16
CA LEU B 26 5.76 -2.15 -12.83
C LEU B 26 6.92 -1.94 -11.87
N LEU B 27 6.92 -0.81 -11.17
CA LEU B 27 8.00 -0.55 -10.22
C LEU B 27 7.58 -0.83 -8.80
N CYS B 28 6.34 -0.50 -8.45
CA CYS B 28 5.89 -0.67 -7.08
C CYS B 28 4.42 -0.32 -6.94
N GLY B 29 3.89 -0.54 -5.74
CA GLY B 29 2.52 -0.17 -5.44
C GLY B 29 2.62 1.19 -4.77
N ALA B 30 1.48 1.80 -4.48
CA ALA B 30 1.44 3.10 -3.83
C ALA B 30 -0.03 3.39 -3.53
N SER B 31 -0.33 4.54 -2.93
CA SER B 31 -1.70 4.86 -2.60
C SER B 31 -2.03 6.34 -2.77
N LEU B 32 -3.29 6.60 -3.09
CA LEU B 32 -3.76 7.97 -3.29
C LEU B 32 -4.31 8.52 -1.99
N ILE B 33 -3.71 9.60 -1.49
CA ILE B 33 -4.19 10.19 -0.24
C ILE B 33 -4.90 11.53 -0.41
N SER B 34 -4.85 12.10 -1.61
CA SER B 34 -5.55 13.35 -1.94
C SER B 34 -5.51 13.47 -3.45
N ASP B 35 -6.10 14.52 -4.02
CA ASP B 35 -6.08 14.66 -5.48
C ASP B 35 -4.69 14.98 -6.04
N ARG B 36 -3.75 15.35 -5.17
CA ARG B 36 -2.39 15.69 -5.61
C ARG B 36 -1.25 14.91 -4.95
N TRP B 37 -1.55 14.08 -3.95
CA TRP B 37 -0.48 13.35 -3.27
C TRP B 37 -0.61 11.83 -3.26
N VAL B 38 0.52 11.17 -3.49
CA VAL B 38 0.57 9.72 -3.50
C VAL B 38 1.62 9.27 -2.50
N LEU B 39 1.28 8.25 -1.71
CA LEU B 39 2.14 7.70 -0.68
C LEU B 39 2.74 6.38 -1.13
N THR B 40 4.01 6.16 -0.83
CA THR B 40 4.66 4.89 -1.19
C THR B 40 5.83 4.62 -0.23
N ALA B 41 6.57 3.56 -0.48
CA ALA B 41 7.73 3.21 0.34
C ALA B 41 8.96 3.89 -0.23
N ALA B 42 9.83 4.40 0.64
CA ALA B 42 11.02 5.06 0.17
C ALA B 42 11.90 4.13 -0.68
N HIS B 43 11.97 2.84 -0.33
CA HIS B 43 12.84 1.95 -1.08
C HIS B 43 12.37 1.73 -2.51
N CYS B 44 11.17 2.18 -2.84
CA CYS B 44 10.65 2.04 -4.19
C CYS B 44 11.34 3.05 -5.11
N LEU B 45 11.84 4.13 -4.50
CA LEU B 45 12.48 5.20 -5.24
C LEU B 45 13.99 5.30 -4.96
N LEU B 46 14.41 4.91 -3.76
CA LEU B 46 15.82 5.01 -3.41
C LEU B 46 16.30 3.80 -2.66
N TYR B 47 17.24 3.07 -3.27
CA TYR B 47 17.81 1.90 -2.64
C TYR B 47 19.20 1.63 -3.24
N PRO B 48 20.20 2.40 -2.80
CA PRO B 48 21.60 2.33 -3.23
C PRO B 48 22.19 0.92 -3.40
N PRO B 49 21.87 -0.01 -2.49
CA PRO B 49 22.41 -1.36 -2.63
C PRO B 49 22.15 -1.99 -3.99
N TRP B 50 21.06 -1.57 -4.64
CA TRP B 50 20.69 -2.09 -5.94
C TRP B 50 20.76 -1.01 -7.01
N ASP B 51 21.50 0.05 -6.71
CA ASP B 51 21.65 1.16 -7.62
C ASP B 51 20.32 1.74 -8.08
N LYS B 52 19.36 1.79 -7.17
CA LYS B 52 18.06 2.36 -7.50
C LYS B 52 18.00 3.77 -6.93
N ASN B 53 17.71 4.73 -7.81
CA ASN B 53 17.61 6.13 -7.42
C ASN B 53 16.84 6.86 -8.52
N PHE B 54 15.52 6.70 -8.53
CA PHE B 54 14.69 7.33 -9.55
C PHE B 54 14.43 8.80 -9.30
N THR B 55 14.29 9.57 -10.38
CA THR B 55 13.98 10.99 -10.28
C THR B 55 12.55 11.11 -10.82
N GLU B 56 11.92 12.26 -10.64
CA GLU B 56 10.55 12.47 -11.09
C GLU B 56 10.28 11.97 -12.51
N ASN B 57 11.07 12.43 -13.48
CA ASN B 57 10.84 12.05 -14.88
C ASN B 57 11.07 10.60 -15.28
N ASP B 58 11.54 9.77 -14.35
CA ASP B 58 11.76 8.37 -14.68
C ASP B 58 10.48 7.55 -14.59
N LEU B 59 9.51 8.04 -13.83
CA LEU B 59 8.27 7.30 -13.62
C LEU B 59 6.95 8.02 -13.86
N LEU B 60 5.89 7.23 -13.77
CA LEU B 60 4.52 7.69 -13.93
C LEU B 60 3.66 7.00 -12.87
N VAL B 61 2.53 7.63 -12.56
CA VAL B 61 1.57 7.10 -11.59
C VAL B 61 0.29 6.70 -12.34
N ARG B 62 -0.09 5.42 -12.25
CA ARG B 62 -1.31 4.94 -12.91
C ARG B 62 -2.35 4.64 -11.81
N ILE B 63 -3.45 5.40 -11.85
CA ILE B 63 -4.50 5.34 -10.85
C ILE B 63 -5.82 4.80 -11.41
N GLY B 64 -6.57 4.08 -10.59
CA GLY B 64 -7.85 3.54 -11.01
C GLY B 64 -7.75 2.25 -11.78
N LYS B 65 -6.59 1.60 -11.69
CA LYS B 65 -6.36 0.35 -12.41
C LYS B 65 -6.87 -0.91 -11.73
N HIS B 66 -7.10 -1.92 -12.55
CA HIS B 66 -7.53 -3.23 -12.10
C HIS B 66 -6.62 -4.23 -12.79
N SER B 67 -6.60 -4.17 -14.12
CA SER B 67 -5.73 -5.04 -14.90
C SER B 67 -4.30 -4.58 -14.70
N ARG B 68 -3.35 -5.53 -14.64
CA ARG B 68 -1.95 -5.19 -14.45
C ARG B 68 -1.27 -4.61 -15.69
N THR B 69 -1.34 -5.34 -16.80
CA THR B 69 -0.67 -4.95 -18.05
C THR B 69 -1.42 -4.13 -19.07
N ARG B 70 -2.74 -4.19 -19.06
CA ARG B 70 -3.55 -3.47 -20.03
C ARG B 70 -3.72 -1.98 -19.77
N TYR B 71 -3.86 -1.20 -20.85
CA TYR B 71 -4.12 0.22 -20.70
C TYR B 71 -5.64 0.29 -20.59
N GLU B 72 -6.12 0.60 -19.39
CA GLU B 72 -7.54 0.64 -19.13
C GLU B 72 -8.21 1.96 -19.53
N ARG B 73 -8.40 2.06 -20.84
CA ARG B 73 -9.00 3.22 -21.48
C ARG B 73 -10.32 3.62 -20.82
N ASN B 74 -10.49 4.92 -20.60
CA ASN B 74 -11.70 5.49 -19.99
C ASN B 74 -11.85 5.15 -18.49
N ILE B 75 -10.86 4.50 -17.90
CA ILE B 75 -10.94 4.12 -16.50
C ILE B 75 -9.73 4.59 -15.69
N GLU B 76 -8.54 4.10 -16.03
CA GLU B 76 -7.33 4.51 -15.33
C GLU B 76 -6.92 5.90 -15.83
N LYS B 77 -6.20 6.63 -14.97
CA LYS B 77 -5.70 7.95 -15.29
C LYS B 77 -4.21 7.90 -15.01
N ILE B 78 -3.42 8.46 -15.92
CA ILE B 78 -1.96 8.46 -15.79
C ILE B 78 -1.47 9.87 -15.43
N SER B 79 -0.71 9.98 -14.36
CA SER B 79 -0.20 11.27 -13.90
C SER B 79 1.32 11.33 -13.86
N MET B 80 1.86 12.52 -14.12
CA MET B 80 3.30 12.73 -14.08
C MET B 80 3.63 13.27 -12.70
N LEU B 81 4.88 13.11 -12.29
CA LEU B 81 5.32 13.56 -10.97
C LEU B 81 5.92 14.96 -10.97
N GLU B 82 5.50 15.78 -10.02
CA GLU B 82 6.04 17.12 -9.88
C GLU B 82 7.29 17.02 -9.01
N LYS B 83 7.17 16.36 -7.86
CA LYS B 83 8.31 16.22 -6.96
C LYS B 83 8.22 14.98 -6.07
N ILE B 84 9.37 14.40 -5.76
CA ILE B 84 9.44 13.24 -4.88
C ILE B 84 10.02 13.72 -3.54
N TYR B 85 9.47 13.19 -2.45
CA TYR B 85 9.94 13.55 -1.12
C TYR B 85 10.20 12.26 -0.34
N ILE B 86 11.45 12.06 0.07
CA ILE B 86 11.85 10.87 0.81
C ILE B 86 12.07 11.26 2.27
N HIS B 87 11.65 10.40 3.21
CA HIS B 87 11.87 10.74 4.61
C HIS B 87 13.36 10.99 4.80
N PRO B 88 13.73 12.12 5.45
CA PRO B 88 15.15 12.42 5.66
C PRO B 88 15.90 11.41 6.52
N ARG B 89 15.18 10.63 7.32
CA ARG B 89 15.86 9.63 8.15
C ARG B 89 15.58 8.20 7.69
N TYR B 90 15.15 8.04 6.44
CA TYR B 90 14.90 6.72 5.88
C TYR B 90 16.25 5.96 5.95
N ASN B 91 16.25 4.81 6.62
CA ASN B 91 17.48 4.02 6.80
C ASN B 91 17.62 2.88 5.78
N TRP B 92 18.15 3.18 4.60
CA TRP B 92 18.33 2.14 3.58
C TRP B 92 19.56 1.32 3.86
N ARG B 93 20.44 1.85 4.71
CA ARG B 93 21.68 1.14 5.03
C ARG B 93 21.49 -0.09 5.88
N GLU B 94 20.52 -0.06 6.78
CA GLU B 94 20.36 -1.21 7.65
C GLU B 94 19.09 -2.04 7.57
N ASN B 95 17.98 -1.47 8.03
CA ASN B 95 16.72 -2.21 8.11
C ASN B 95 15.48 -1.53 7.52
N LEU B 96 15.68 -0.58 6.62
CA LEU B 96 14.57 0.13 5.99
C LEU B 96 13.71 0.90 6.99
N ASP B 97 14.31 1.33 8.09
CA ASP B 97 13.57 2.11 9.08
C ASP B 97 13.04 3.39 8.40
N ARG B 98 11.80 3.75 8.71
CA ARG B 98 11.12 4.93 8.13
C ARG B 98 11.02 4.80 6.60
N ASP B 99 10.55 3.63 6.15
CA ASP B 99 10.40 3.33 4.72
C ASP B 99 9.15 4.03 4.19
N ILE B 100 9.27 5.33 3.91
CA ILE B 100 8.12 6.09 3.45
C ILE B 100 8.54 7.25 2.56
N ALA B 101 7.72 7.54 1.56
CA ALA B 101 8.00 8.63 0.63
C ALA B 101 6.70 9.18 0.09
N LEU B 102 6.72 10.46 -0.27
CA LEU B 102 5.56 11.12 -0.86
C LEU B 102 5.89 11.57 -2.27
N MET B 103 4.88 11.60 -3.12
CA MET B 103 5.03 12.03 -4.50
C MET B 103 3.89 13.01 -4.79
N LYS B 104 4.23 14.22 -5.24
CA LYS B 104 3.23 15.22 -5.57
C LYS B 104 3.01 15.15 -7.08
N LEU B 105 1.74 15.15 -7.49
CA LEU B 105 1.41 15.07 -8.91
C LEU B 105 1.44 16.45 -9.58
N LYS B 106 1.73 16.49 -10.88
CA LYS B 106 1.77 17.75 -11.59
C LYS B 106 0.40 18.42 -11.62
N LYS B 107 -0.63 17.61 -11.82
CA LYS B 107 -2.01 18.12 -11.88
C LYS B 107 -2.91 17.26 -11.02
N PRO B 108 -4.02 17.83 -10.50
CA PRO B 108 -4.92 17.05 -9.67
C PRO B 108 -5.59 15.96 -10.48
N VAL B 109 -5.81 14.80 -9.87
CA VAL B 109 -6.45 13.70 -10.57
C VAL B 109 -7.94 13.80 -10.25
N ALA B 110 -8.79 13.52 -11.24
CA ALA B 110 -10.22 13.58 -11.01
C ALA B 110 -10.71 12.28 -10.38
N PHE B 111 -11.50 12.40 -9.32
CA PHE B 111 -12.02 11.21 -8.67
C PHE B 111 -13.12 10.64 -9.53
N SER B 112 -13.38 9.35 -9.33
CA SER B 112 -14.39 8.64 -10.08
C SER B 112 -14.76 7.41 -9.27
N ASP B 113 -15.53 6.50 -9.86
CA ASP B 113 -15.92 5.27 -9.18
C ASP B 113 -14.71 4.39 -8.90
N TYR B 114 -13.65 4.58 -9.68
CA TYR B 114 -12.45 3.76 -9.58
C TYR B 114 -11.25 4.46 -8.94
N ILE B 115 -11.38 5.76 -8.72
CA ILE B 115 -10.31 6.59 -8.18
C ILE B 115 -10.82 7.37 -6.97
N HIS B 116 -10.31 7.04 -5.79
CA HIS B 116 -10.76 7.71 -4.57
C HIS B 116 -9.69 7.57 -3.50
N PRO B 117 -9.39 8.65 -2.78
CA PRO B 117 -8.37 8.63 -1.72
C PRO B 117 -8.75 7.88 -0.45
N VAL B 118 -7.74 7.26 0.15
CA VAL B 118 -7.90 6.53 1.40
C VAL B 118 -7.58 7.52 2.52
N CYS B 119 -8.08 7.27 3.73
CA CYS B 119 -7.79 8.16 4.86
C CYS B 119 -6.49 7.81 5.56
N LEU B 120 -5.89 8.78 6.23
CA LEU B 120 -4.68 8.52 7.02
C LEU B 120 -5.19 8.53 8.45
N PRO B 121 -4.70 7.61 9.29
CA PRO B 121 -5.14 7.53 10.69
C PRO B 121 -4.71 8.67 11.60
N ASP B 122 -5.54 8.95 12.60
CA ASP B 122 -5.21 9.94 13.62
C ASP B 122 -4.78 9.06 14.79
N ARG B 123 -4.27 9.66 15.86
CA ARG B 123 -3.80 8.89 16.99
C ARG B 123 -4.79 7.88 17.57
N GLU B 124 -6.05 8.26 17.69
CA GLU B 124 -7.03 7.34 18.26
C GLU B 124 -7.37 6.16 17.36
N THR B 125 -7.43 6.39 16.05
CA THR B 125 -7.73 5.32 15.11
C THR B 125 -6.61 4.28 15.17
N ALA B 126 -5.37 4.75 15.18
CA ALA B 126 -4.22 3.86 15.25
C ALA B 126 -4.19 3.07 16.55
N ALA B 127 -4.39 3.76 17.67
CA ALA B 127 -4.36 3.10 18.97
C ALA B 127 -5.43 2.01 19.03
N SER B 128 -6.60 2.35 18.53
CA SER B 128 -7.72 1.41 18.54
C SER B 128 -7.60 0.21 17.61
N LEU B 129 -7.08 0.43 16.40
CA LEU B 129 -7.02 -0.67 15.44
C LEU B 129 -5.70 -1.43 15.28
N LEU B 130 -4.58 -0.81 15.63
CA LEU B 130 -3.31 -1.50 15.48
C LEU B 130 -3.04 -2.42 16.67
N GLN B 131 -3.76 -3.55 16.69
CA GLN B 131 -3.67 -4.53 17.76
C GLN B 131 -3.45 -5.93 17.20
N ALA B 132 -2.64 -6.73 17.89
CA ALA B 132 -2.39 -8.10 17.47
C ALA B 132 -3.75 -8.78 17.29
N GLY B 133 -3.88 -9.56 16.23
CA GLY B 133 -5.15 -10.24 15.97
C GLY B 133 -6.02 -9.48 14.99
N TYR B 134 -6.03 -8.15 15.08
CA TYR B 134 -6.83 -7.32 14.18
C TYR B 134 -6.30 -7.47 12.75
N LYS B 135 -7.21 -7.69 11.81
CA LYS B 135 -6.78 -7.87 10.42
C LYS B 135 -6.85 -6.62 9.57
N GLY B 136 -5.87 -6.49 8.66
CA GLY B 136 -5.81 -5.39 7.73
C GLY B 136 -5.88 -6.04 6.36
N ARG B 137 -5.79 -5.22 5.31
CA ARG B 137 -5.88 -5.71 3.94
C ARG B 137 -4.74 -5.18 3.10
N VAL B 138 -4.08 -6.07 2.37
CA VAL B 138 -2.96 -5.68 1.52
C VAL B 138 -3.32 -5.99 0.07
N THR B 139 -2.99 -5.07 -0.84
CA THR B 139 -3.29 -5.21 -2.25
C THR B 139 -2.08 -4.90 -3.12
N GLY B 140 -2.02 -5.52 -4.30
CA GLY B 140 -0.90 -5.26 -5.18
C GLY B 140 -0.90 -6.12 -6.43
N TRP B 141 -0.02 -5.78 -7.37
CA TRP B 141 0.13 -6.51 -8.63
C TRP B 141 1.45 -7.29 -8.61
N GLY B 142 2.02 -7.42 -7.42
CA GLY B 142 3.27 -8.12 -7.26
C GLY B 142 3.20 -9.59 -7.60
N ASN B 143 4.33 -10.28 -7.50
CA ASN B 143 4.39 -11.70 -7.82
C ASN B 143 3.44 -12.56 -7.01
N LEU B 144 2.95 -13.63 -7.64
CA LEU B 144 2.04 -14.58 -7.01
C LEU B 144 2.80 -15.61 -6.19
N LYS B 145 4.10 -15.75 -6.45
CA LYS B 145 4.93 -16.71 -5.74
C LYS B 145 6.33 -16.16 -5.58
N GLU B 146 7.05 -16.64 -4.56
CA GLU B 146 8.41 -16.19 -4.33
C GLU B 146 9.31 -16.52 -5.51
N GLY B 155 4.03 -16.50 -11.80
CA GLY B 155 4.44 -15.29 -12.50
C GLY B 155 3.65 -14.09 -12.01
N GLN B 156 3.30 -13.19 -12.93
CA GLN B 156 2.53 -12.01 -12.59
C GLN B 156 1.02 -12.26 -12.70
N PRO B 157 0.21 -11.53 -11.92
CA PRO B 157 -1.24 -11.69 -11.95
C PRO B 157 -1.87 -10.92 -13.10
N SER B 158 -3.08 -11.31 -13.49
CA SER B 158 -3.78 -10.61 -14.55
C SER B 158 -4.45 -9.36 -13.99
N VAL B 159 -4.93 -9.46 -12.76
CA VAL B 159 -5.58 -8.31 -12.13
C VAL B 159 -5.13 -8.11 -10.68
N LEU B 160 -5.45 -6.95 -10.13
CA LEU B 160 -5.08 -6.63 -8.75
C LEU B 160 -5.43 -7.76 -7.78
N GLN B 161 -4.50 -8.08 -6.89
CA GLN B 161 -4.71 -9.14 -5.91
C GLN B 161 -4.94 -8.56 -4.53
N VAL B 162 -5.72 -9.24 -3.70
CA VAL B 162 -6.03 -8.78 -2.36
C VAL B 162 -5.90 -9.91 -1.34
N VAL B 163 -5.44 -9.58 -0.14
CA VAL B 163 -5.36 -10.57 0.92
C VAL B 163 -5.49 -9.87 2.27
N ASN B 164 -6.26 -10.49 3.16
CA ASN B 164 -6.46 -9.96 4.51
C ASN B 164 -5.52 -10.73 5.43
N LEU B 165 -4.81 -9.99 6.28
CA LEU B 165 -3.81 -10.56 7.19
C LEU B 165 -3.90 -9.96 8.58
N PRO B 166 -3.72 -10.76 9.62
CA PRO B 166 -3.77 -10.30 11.02
C PRO B 166 -2.46 -9.66 11.48
N ILE B 167 -2.60 -8.60 12.27
CA ILE B 167 -1.43 -7.93 12.81
C ILE B 167 -0.83 -8.91 13.82
N VAL B 168 0.50 -8.97 13.89
CA VAL B 168 1.17 -9.91 14.79
C VAL B 168 1.84 -9.23 16.00
N GLU B 169 1.84 -9.93 17.13
CA GLU B 169 2.44 -9.40 18.36
C GLU B 169 3.90 -9.01 18.11
N ARG B 170 4.32 -7.86 18.61
CA ARG B 170 5.68 -7.38 18.40
C ARG B 170 6.78 -8.37 18.80
N PRO B 171 6.63 -9.09 19.93
CA PRO B 171 7.67 -10.05 20.31
C PRO B 171 7.81 -11.16 19.28
N VAL B 172 6.69 -11.57 18.69
CA VAL B 172 6.68 -12.61 17.68
C VAL B 172 7.34 -12.10 16.40
N CYS B 173 7.04 -10.85 16.03
CA CYS B 173 7.67 -10.28 14.83
C CYS B 173 9.20 -10.28 15.00
N LYS B 174 9.65 -9.81 16.16
CA LYS B 174 11.07 -9.73 16.46
C LYS B 174 11.77 -11.08 16.47
N ASP B 175 11.11 -12.08 17.04
CA ASP B 175 11.70 -13.41 17.12
C ASP B 175 11.67 -14.19 15.81
N SER B 176 11.11 -13.59 14.76
CA SER B 176 11.01 -14.28 13.48
C SER B 176 12.14 -13.91 12.54
N THR B 177 12.97 -12.96 12.93
CA THR B 177 14.02 -12.46 12.07
C THR B 177 15.27 -12.01 12.82
N ARG B 178 16.38 -11.88 12.09
CA ARG B 178 17.59 -11.40 12.73
C ARG B 178 17.69 -9.90 12.54
N ILE B 179 16.78 -9.33 11.74
CA ILE B 179 16.80 -7.89 11.49
C ILE B 179 16.29 -7.09 12.68
N ARG B 180 16.90 -5.92 12.91
CA ARG B 180 16.48 -5.05 14.02
C ARG B 180 15.15 -4.37 13.67
N ILE B 181 14.11 -4.71 14.41
CA ILE B 181 12.80 -4.13 14.17
C ILE B 181 12.62 -2.85 15.00
N THR B 182 12.01 -1.83 14.41
CA THR B 182 11.81 -0.58 15.14
C THR B 182 10.32 -0.29 15.35
N ASP B 183 10.04 0.76 16.13
CA ASP B 183 8.66 1.15 16.39
C ASP B 183 8.00 1.77 15.15
N ASN B 184 8.78 2.01 14.11
CA ASN B 184 8.23 2.57 12.86
C ASN B 184 7.81 1.44 11.93
N MET B 185 7.81 0.22 12.47
CA MET B 185 7.41 -0.97 11.72
C MET B 185 6.45 -1.83 12.53
N PHE B 186 5.67 -2.65 11.84
CA PHE B 186 4.82 -3.64 12.48
C PHE B 186 4.79 -4.77 11.47
N CYS B 187 4.43 -5.97 11.91
CA CYS B 187 4.39 -7.08 10.98
C CYS B 187 3.02 -7.71 11.00
N ALA B 188 2.69 -8.44 9.94
CA ALA B 188 1.40 -9.08 9.84
C ALA B 188 1.50 -10.37 9.05
N GLY B 189 0.58 -11.29 9.30
CA GLY B 189 0.59 -12.56 8.61
C GLY B 189 0.18 -13.65 9.56
N TYR B 190 -0.13 -14.83 9.00
CA TYR B 190 -0.54 -15.96 9.81
C TYR B 190 0.65 -16.76 10.34
N LYS B 191 0.46 -17.42 11.48
CA LYS B 191 1.49 -18.26 12.08
C LYS B 191 1.41 -19.60 11.34
N PRO B 192 2.45 -20.44 11.46
CA PRO B 192 2.41 -21.73 10.77
C PRO B 192 1.27 -22.60 11.29
N ASP B 193 0.97 -22.47 12.58
CA ASP B 193 -0.09 -23.25 13.19
C ASP B 193 -1.51 -22.76 12.89
N GLU B 194 -1.64 -21.61 12.23
CA GLU B 194 -2.96 -21.07 11.89
C GLU B 194 -3.54 -21.59 10.57
N GLY B 195 -2.73 -22.34 9.81
CA GLY B 195 -3.22 -22.90 8.56
C GLY B 195 -3.32 -21.96 7.36
N LYS B 196 -4.04 -20.86 7.52
CA LYS B 196 -4.21 -19.90 6.43
C LYS B 196 -2.87 -19.24 6.16
N ARG B 197 -2.71 -18.69 4.95
CA ARG B 197 -1.47 -18.00 4.62
C ARG B 197 -1.71 -16.73 3.79
N GLY B 198 -0.66 -16.20 3.19
CA GLY B 198 -0.80 -14.99 2.40
C GLY B 198 0.29 -14.01 2.80
N ASP B 199 0.73 -13.21 1.84
CA ASP B 199 1.81 -12.26 2.10
C ASP B 199 1.99 -11.40 0.86
N ALA B 200 2.68 -10.27 1.05
CA ALA B 200 2.99 -9.39 -0.05
C ALA B 200 4.25 -10.04 -0.65
N CYS B 201 4.59 -9.69 -1.88
CA CYS B 201 5.77 -10.25 -2.50
C CYS B 201 6.40 -9.17 -3.39
N GLU B 202 7.41 -9.54 -4.18
CA GLU B 202 8.07 -8.58 -5.07
C GLU B 202 7.04 -7.88 -5.97
N GLY B 203 7.12 -6.56 -6.03
CA GLY B 203 6.20 -5.78 -6.85
C GLY B 203 5.09 -5.15 -6.03
N ASP B 204 4.83 -5.70 -4.84
CA ASP B 204 3.80 -5.20 -3.93
C ASP B 204 4.32 -4.07 -3.05
N SER B 205 5.64 -3.94 -2.96
CA SER B 205 6.28 -2.89 -2.17
C SER B 205 5.63 -1.53 -2.43
N GLY B 206 5.48 -0.73 -1.38
CA GLY B 206 4.92 0.59 -1.52
C GLY B 206 3.41 0.62 -1.43
N GLY B 207 2.80 -0.57 -1.57
CA GLY B 207 1.36 -0.69 -1.50
C GLY B 207 0.83 -0.43 -0.10
N PRO B 208 -0.49 -0.27 0.02
CA PRO B 208 -1.15 0.01 1.30
C PRO B 208 -1.61 -1.20 2.09
N PHE B 209 -1.56 -1.06 3.42
CA PHE B 209 -2.08 -2.07 4.34
C PHE B 209 -3.23 -1.25 4.93
N VAL B 210 -4.47 -1.63 4.63
CA VAL B 210 -5.60 -0.83 5.12
C VAL B 210 -6.52 -1.58 6.07
N MET B 211 -7.26 -0.81 6.86
CA MET B 211 -8.22 -1.37 7.82
C MET B 211 -9.47 -0.52 7.74
N LYS B 212 -10.64 -1.14 7.92
CA LYS B 212 -11.89 -0.38 7.89
C LYS B 212 -12.35 -0.14 9.31
N SER B 213 -12.41 1.13 9.68
CA SER B 213 -12.81 1.47 11.03
C SER B 213 -14.25 1.05 11.32
N PRO B 214 -14.47 0.34 12.42
CA PRO B 214 -15.82 -0.11 12.79
C PRO B 214 -16.57 1.04 13.46
N PHE B 215 -15.86 2.14 13.71
CA PHE B 215 -16.42 3.32 14.35
C PHE B 215 -17.09 4.25 13.35
N ASN B 216 -16.42 4.55 12.23
CA ASN B 216 -17.02 5.44 11.23
C ASN B 216 -17.11 4.82 9.84
N ASN B 217 -16.85 3.52 9.75
CA ASN B 217 -16.91 2.75 8.51
C ASN B 217 -16.06 3.26 7.35
N ARG B 218 -14.96 3.95 7.66
CA ARG B 218 -14.08 4.47 6.63
C ARG B 218 -12.79 3.66 6.58
N TRP B 219 -12.17 3.58 5.42
CA TRP B 219 -10.91 2.86 5.30
C TRP B 219 -9.73 3.75 5.63
N TYR B 220 -8.80 3.23 6.42
CA TYR B 220 -7.60 3.95 6.83
C TYR B 220 -6.35 3.17 6.43
N GLN B 221 -5.34 3.88 5.94
CA GLN B 221 -4.10 3.20 5.60
C GLN B 221 -3.20 3.20 6.85
N MET B 222 -3.04 2.02 7.44
CA MET B 222 -2.24 1.90 8.65
C MET B 222 -0.80 1.56 8.33
N GLY B 223 -0.57 0.94 7.18
CA GLY B 223 0.79 0.57 6.85
C GLY B 223 1.16 0.66 5.39
N ILE B 224 2.45 0.51 5.10
CA ILE B 224 2.96 0.53 3.74
C ILE B 224 3.78 -0.75 3.63
N VAL B 225 3.55 -1.53 2.56
CA VAL B 225 4.32 -2.76 2.34
C VAL B 225 5.77 -2.36 2.25
N SER B 226 6.58 -2.86 3.20
CA SER B 226 8.00 -2.49 3.26
C SER B 226 8.96 -3.63 2.95
N TRP B 227 8.93 -4.71 3.72
CA TRP B 227 9.84 -5.82 3.44
C TRP B 227 9.42 -7.16 4.04
N GLY B 228 10.13 -8.20 3.62
CA GLY B 228 9.87 -9.53 4.10
C GLY B 228 11.01 -10.41 3.60
N GLU B 229 11.33 -11.46 4.35
CA GLU B 229 12.40 -12.36 3.94
C GLU B 229 11.73 -13.50 3.17
N GLY B 230 11.75 -13.37 1.85
CA GLY B 230 11.11 -14.34 1.01
C GLY B 230 9.64 -13.93 0.97
N CYS B 231 8.77 -14.80 0.46
CA CYS B 231 7.35 -14.48 0.39
C CYS B 231 6.52 -15.63 0.91
N ASP B 232 5.70 -15.33 1.91
CA ASP B 232 4.81 -16.33 2.49
C ASP B 232 5.51 -17.56 3.04
N ARG B 233 6.69 -17.38 3.62
CA ARG B 233 7.43 -18.50 4.19
C ARG B 233 6.89 -18.76 5.57
N ASP B 234 6.81 -20.03 5.96
CA ASP B 234 6.33 -20.38 7.28
C ASP B 234 7.30 -19.79 8.30
N GLY B 235 6.76 -19.25 9.38
CA GLY B 235 7.61 -18.66 10.41
C GLY B 235 8.06 -17.24 10.11
N LYS B 236 7.83 -16.78 8.89
CA LYS B 236 8.20 -15.42 8.53
C LYS B 236 6.93 -14.57 8.43
N TYR B 237 7.09 -13.25 8.50
CA TYR B 237 5.98 -12.33 8.42
C TYR B 237 6.32 -11.17 7.50
N GLY B 238 5.31 -10.42 7.07
CA GLY B 238 5.55 -9.29 6.23
C GLY B 238 5.68 -8.09 7.14
N PHE B 239 6.58 -7.18 6.79
CA PHE B 239 6.77 -5.99 7.60
C PHE B 239 6.25 -4.77 6.86
N TYR B 240 5.64 -3.87 7.63
CA TYR B 240 5.02 -2.67 7.09
C TYR B 240 5.42 -1.41 7.81
N THR B 241 5.55 -0.32 7.06
CA THR B 241 5.87 0.96 7.65
C THR B 241 4.65 1.39 8.46
N HIS B 242 4.89 1.82 9.70
CA HIS B 242 3.83 2.27 10.62
C HIS B 242 3.48 3.71 10.23
N VAL B 243 2.44 3.89 9.43
CA VAL B 243 2.04 5.20 8.95
C VAL B 243 1.77 6.29 10.01
N PHE B 244 0.99 5.96 11.04
CA PHE B 244 0.71 6.97 12.04
C PHE B 244 1.97 7.54 12.70
N ARG B 245 2.93 6.66 13.00
CA ARG B 245 4.18 7.08 13.63
C ARG B 245 4.93 8.11 12.81
N LEU B 246 4.70 8.13 11.50
CA LEU B 246 5.40 9.06 10.64
C LEU B 246 4.46 10.13 10.04
N LYS B 247 3.26 10.24 10.59
CA LYS B 247 2.30 11.21 10.06
C LYS B 247 2.74 12.66 10.23
N LYS B 248 3.49 12.95 11.28
CA LYS B 248 3.95 14.32 11.48
C LYS B 248 4.83 14.74 10.30
N TRP B 249 5.64 13.81 9.81
CA TRP B 249 6.50 14.09 8.67
C TRP B 249 5.62 14.31 7.44
N ILE B 250 4.63 13.44 7.28
CA ILE B 250 3.70 13.53 6.16
C ILE B 250 3.02 14.90 6.13
N GLN B 251 2.45 15.30 7.26
CA GLN B 251 1.74 16.58 7.37
C GLN B 251 2.67 17.76 7.09
N LYS B 252 3.89 17.68 7.58
CA LYS B 252 4.88 18.73 7.38
C LYS B 252 5.12 18.96 5.89
N VAL B 253 5.43 17.88 5.18
CA VAL B 253 5.70 17.96 3.74
C VAL B 253 4.52 18.54 2.97
N ILE B 254 3.31 18.07 3.27
CA ILE B 254 2.14 18.56 2.57
C ILE B 254 1.84 20.02 2.94
N ASP B 255 1.99 20.37 4.22
CA ASP B 255 1.72 21.74 4.65
C ASP B 255 2.70 22.73 3.98
N GLN B 256 3.96 22.34 3.93
CA GLN B 256 5.01 23.16 3.35
C GLN B 256 5.00 23.22 1.82
N PHE B 257 4.83 22.08 1.18
CA PHE B 257 4.86 22.03 -0.28
C PHE B 257 3.51 21.88 -0.96
N GLY B 258 2.47 21.65 -0.17
CA GLY B 258 1.14 21.49 -0.74
C GLY B 258 0.41 22.82 -0.83
N ASP C 1 5.31 -6.82 -22.46
CA ASP C 1 4.34 -7.40 -21.48
C ASP C 1 3.19 -6.44 -21.24
N PHE C 2 3.51 -5.16 -21.11
CA PHE C 2 2.51 -4.14 -20.89
C PHE C 2 2.05 -3.53 -22.20
N GLU C 3 0.76 -3.25 -22.31
CA GLU C 3 0.22 -2.64 -23.51
C GLU C 3 0.71 -1.20 -23.50
N GLU C 4 1.08 -0.70 -24.67
CA GLU C 4 1.57 0.67 -24.79
C GLU C 4 0.52 1.63 -24.28
N ILE C 5 0.96 2.79 -23.82
CA ILE C 5 0.06 3.81 -23.30
C ILE C 5 0.13 4.99 -24.26
N PRO C 6 -0.97 5.77 -24.38
CA PRO C 6 -0.91 6.91 -25.30
C PRO C 6 0.33 7.78 -25.10
N GLU C 7 0.96 8.15 -26.22
CA GLU C 7 2.18 8.94 -26.21
C GLU C 7 2.10 10.24 -25.45
N GLU C 8 0.90 10.80 -25.32
CA GLU C 8 0.74 12.07 -24.62
C GLU C 8 1.30 12.10 -23.20
#